data_5SRO
#
_entry.id   5SRO
#
_cell.length_a   88.753
_cell.length_b   88.753
_cell.length_c   39.576
_cell.angle_alpha   90.000
_cell.angle_beta   90.000
_cell.angle_gamma   90.000
#
_symmetry.space_group_name_H-M   'P 43'
#
loop_
_entity.id
_entity.type
_entity.pdbx_description
1 polymer 'Non-structural protein 3'
2 non-polymer '(8R)-6-(7-bromo-9H-pyrimido[4,5-b]indol-4-yl)-8-fluoro-6-azaspiro[3.4]octane-8-carboxylic acid'
3 non-polymer '(8S)-6-(7-bromo-9H-pyrimido[4,5-b]indol-4-yl)-8-fluoro-6-azaspiro[3.4]octane-8-carboxylic acid'
4 water water
#
_entity_poly.entity_id   1
_entity_poly.type   'polypeptide(L)'
_entity_poly.pdbx_seq_one_letter_code
;SMVNSFSGYLKLTDNVYIKNADIVEEAKKVKPTVVVNAANVYLKHGGGVAGALNKATNNAMQVESDDYIATNGPLKVGGS
CVLSGHNLAKHCLHVVGPNVNKGEDIQLLKSAYENFNQHEVLLAPLLSAGIFGADPIHSLRVCVDTVRTNVYLAVFDKNL
YDKLVSSFL
;
_entity_poly.pdbx_strand_id   A,B
#
loop_
_chem_comp.id
_chem_comp.type
_chem_comp.name
_chem_comp.formula
RCR non-polymer '(8R)-6-(7-bromo-9H-pyrimido[4,5-b]indol-4-yl)-8-fluoro-6-azaspiro[3.4]octane-8-carboxylic acid' 'C18 H16 Br F N4 O2'
RD6 non-polymer '(8S)-6-(7-bromo-9H-pyrimido[4,5-b]indol-4-yl)-8-fluoro-6-azaspiro[3.4]octane-8-carboxylic acid' 'C18 H16 Br F N4 O2'
#
# COMPACT_ATOMS: atom_id res chain seq x y z
N VAL A 3 16.32 -9.98 15.44
N VAL A 3 16.36 -9.90 15.51
CA VAL A 3 15.44 -10.63 16.42
CA VAL A 3 15.49 -10.61 16.43
C VAL A 3 14.34 -9.68 16.86
C VAL A 3 14.35 -9.68 16.87
N ASN A 4 13.12 -10.19 16.87
CA ASN A 4 11.96 -9.45 17.38
C ASN A 4 11.22 -10.33 18.41
N SER A 5 10.18 -9.76 19.02
CA SER A 5 9.46 -10.31 20.16
C SER A 5 8.26 -11.18 19.78
N PHE A 6 7.97 -11.36 18.49
CA PHE A 6 6.85 -12.20 18.09
C PHE A 6 7.15 -13.67 18.42
N SER A 7 6.18 -14.37 19.03
CA SER A 7 6.41 -15.70 19.59
C SER A 7 5.35 -16.70 19.11
N GLY A 8 5.78 -17.92 18.83
N GLY A 8 5.79 -17.95 18.89
CA GLY A 8 4.83 -18.95 18.51
CA GLY A 8 4.96 -19.09 18.51
C GLY A 8 4.31 -18.95 17.09
C GLY A 8 4.44 -19.06 17.09
N TYR A 9 4.95 -18.22 16.18
N TYR A 9 5.02 -18.25 16.21
CA TYR A 9 4.52 -18.18 14.79
CA TYR A 9 4.57 -18.16 14.82
C TYR A 9 5.09 -19.36 14.01
C TYR A 9 5.23 -19.23 13.96
N LEU A 10 4.32 -19.83 13.04
N LEU A 10 4.41 -19.91 13.14
CA LEU A 10 4.82 -20.75 12.03
CA LEU A 10 4.95 -20.81 12.13
C LEU A 10 5.35 -19.90 10.88
C LEU A 10 5.60 -19.97 11.03
N LYS A 11 6.53 -20.28 10.37
N LYS A 11 6.81 -20.30 10.64
CA LYS A 11 7.17 -19.57 9.27
CA LYS A 11 7.52 -19.54 9.60
C LYS A 11 6.64 -20.13 7.96
C LYS A 11 7.00 -19.99 8.23
N LEU A 12 6.03 -19.29 7.13
N LEU A 12 6.20 -19.14 7.59
CA LEU A 12 5.54 -19.74 5.83
CA LEU A 12 5.58 -19.49 6.31
C LEU A 12 6.56 -19.52 4.72
C LEU A 12 6.60 -19.41 5.17
N THR A 13 7.22 -18.37 4.74
N THR A 13 7.25 -18.26 5.01
CA THR A 13 8.21 -17.99 3.73
CA THR A 13 8.26 -18.09 3.96
C THR A 13 9.33 -17.23 4.44
C THR A 13 9.46 -17.33 4.53
N ASP A 14 10.26 -16.73 3.64
CA ASP A 14 11.35 -15.90 4.14
C ASP A 14 10.82 -14.78 5.03
N ASN A 15 9.66 -14.19 4.68
CA ASN A 15 9.19 -12.96 5.33
C ASN A 15 7.79 -13.02 5.93
N VAL A 16 7.06 -14.12 5.76
CA VAL A 16 5.68 -14.21 6.23
C VAL A 16 5.57 -15.30 7.30
N TYR A 17 4.94 -14.95 8.40
CA TYR A 17 4.73 -15.80 9.57
C TYR A 17 3.25 -15.80 9.90
N ILE A 18 2.76 -16.86 10.55
N ILE A 18 2.76 -16.94 10.41
CA ILE A 18 1.33 -16.98 10.85
CA ILE A 18 1.34 -17.13 10.70
C ILE A 18 1.10 -17.67 12.20
C ILE A 18 1.20 -17.82 12.07
N LYS A 19 0.03 -17.25 12.87
N LYS A 19 0.17 -17.43 12.85
CA LYS A 19 -0.31 -17.76 14.19
CA LYS A 19 -0.03 -17.99 14.18
C LYS A 19 -1.82 -17.73 14.40
C LYS A 19 -1.46 -17.70 14.64
N ASN A 20 -2.34 -18.73 15.10
N ASN A 20 -2.05 -18.64 15.38
CA ASN A 20 -3.73 -18.70 15.56
CA ASN A 20 -3.37 -18.42 16.00
C ASN A 20 -3.76 -17.81 16.79
C ASN A 20 -3.20 -17.62 17.29
N ALA A 21 -4.25 -16.57 16.63
N ALA A 21 -3.68 -16.37 17.30
CA ALA A 21 -4.23 -15.63 17.73
CA ALA A 21 -3.56 -15.51 18.47
C ALA A 21 -5.28 -14.55 17.50
C ALA A 21 -4.56 -14.35 18.39
N ASP A 22 -5.71 -13.96 18.61
N ASP A 22 -4.87 -13.77 19.55
CA ASP A 22 -6.56 -12.77 18.60
CA ASP A 22 -5.76 -12.61 19.65
C ASP A 22 -5.65 -11.56 18.43
C ASP A 22 -4.95 -11.35 19.35
N ILE A 23 -5.80 -10.85 17.31
N ILE A 23 -5.24 -10.66 18.22
CA ILE A 23 -4.88 -9.75 17.00
CA ILE A 23 -4.41 -9.53 17.78
C ILE A 23 -4.90 -8.69 18.10
C ILE A 23 -4.35 -8.43 18.85
N VAL A 24 -6.02 -8.52 18.79
N VAL A 24 -5.44 -8.18 19.58
CA VAL A 24 -6.09 -7.57 19.90
CA VAL A 24 -5.39 -7.19 20.67
C VAL A 24 -5.17 -8.00 21.03
C VAL A 24 -4.42 -7.65 21.74
N GLU A 25 -5.25 -9.27 21.41
N GLU A 25 -4.53 -8.92 22.14
CA GLU A 25 -4.41 -9.79 22.49
CA GLU A 25 -3.63 -9.46 23.17
C GLU A 25 -2.96 -9.82 22.07
C GLU A 25 -2.18 -9.48 22.69
N GLU A 26 -2.69 -10.14 20.82
N GLU A 26 -1.97 -9.77 21.41
CA GLU A 26 -1.31 -10.15 20.33
CA GLU A 26 -0.62 -9.76 20.85
C GLU A 26 -0.73 -8.75 20.34
C GLU A 26 -0.07 -8.34 20.75
N ALA A 27 -1.50 -7.75 19.90
N ALA A 27 -0.92 -7.37 20.40
CA ALA A 27 -1.00 -6.37 19.92
CA ALA A 27 -0.51 -5.98 20.23
C ALA A 27 -0.72 -5.91 21.34
C ALA A 27 -0.53 -5.19 21.55
N LYS A 28 -1.63 -6.18 22.27
N LYS A 28 -0.80 -5.82 22.67
CA LYS A 28 -1.42 -5.74 23.64
CA LYS A 28 -0.70 -5.18 23.98
C LYS A 28 -0.17 -6.35 24.25
C LYS A 28 0.44 -5.77 24.77
N LYS A 29 0.20 -7.55 23.85
N LYS A 29 0.71 -7.06 24.51
CA LYS A 29 1.37 -8.22 24.40
CA LYS A 29 1.85 -7.78 25.07
C LYS A 29 2.67 -7.80 23.71
C LYS A 29 3.14 -7.39 24.36
N VAL A 30 2.65 -7.67 22.39
N VAL A 30 3.18 -7.58 23.03
CA VAL A 30 3.87 -7.34 21.65
CA VAL A 30 4.32 -7.16 22.23
C VAL A 30 4.12 -5.83 21.63
C VAL A 30 4.26 -5.66 21.98
N LYS A 31 3.08 -5.02 21.57
N LYS A 31 3.06 -5.14 21.72
CA LYS A 31 3.19 -3.59 21.36
CA LYS A 31 2.88 -3.72 21.38
C LYS A 31 4.01 -3.36 20.10
C LYS A 31 3.83 -3.36 20.18
N PRO A 32 3.58 -3.91 18.98
CA PRO A 32 4.42 -3.77 17.77
C PRO A 32 4.49 -2.32 17.30
N THR A 33 5.50 -2.05 16.46
CA THR A 33 5.60 -0.74 15.83
C THR A 33 4.35 -0.44 15.00
N VAL A 34 3.85 -1.45 14.27
CA VAL A 34 2.69 -1.30 13.39
C VAL A 34 1.73 -2.46 13.60
N VAL A 35 0.46 -2.15 13.92
CA VAL A 35 -0.64 -3.09 13.79
C VAL A 35 -1.51 -2.64 12.63
N VAL A 36 -1.91 -3.60 11.78
CA VAL A 36 -2.78 -3.31 10.64
C VAL A 36 -4.24 -3.50 11.06
N ASN A 37 -5.06 -2.51 10.70
CA ASN A 37 -6.51 -2.63 10.83
C ASN A 37 -7.13 -2.95 9.48
N ALA A 38 -8.13 -3.84 9.51
CA ALA A 38 -8.98 -4.14 8.36
C ALA A 38 -10.08 -3.09 8.27
N ALA A 39 -9.71 -1.95 7.70
CA ALA A 39 -10.54 -0.75 7.67
C ALA A 39 -11.47 -0.73 6.46
N ASN A 40 -12.48 0.13 6.55
CA ASN A 40 -13.26 0.56 5.39
C ASN A 40 -12.93 2.01 5.06
N VAL A 41 -13.43 2.48 3.91
CA VAL A 41 -13.02 3.80 3.40
C VAL A 41 -13.44 4.93 4.32
N TYR A 42 -14.46 4.72 5.15
CA TYR A 42 -14.97 5.75 6.06
C TYR A 42 -14.33 5.66 7.43
N LEU A 43 -13.44 4.70 7.63
CA LEU A 43 -12.87 4.40 8.95
C LEU A 43 -13.95 4.29 10.01
N LYS A 44 -15.04 3.61 9.66
N LYS A 44 -15.09 3.71 9.61
CA LYS A 44 -16.10 3.28 10.61
CA LYS A 44 -16.21 3.46 10.51
C LYS A 44 -15.83 1.88 11.15
C LYS A 44 -16.01 2.08 11.12
N HIS A 45 -15.33 1.82 12.38
N HIS A 45 -15.45 2.05 12.33
CA HIS A 45 -14.79 0.58 12.93
CA HIS A 45 -15.08 0.81 13.02
C HIS A 45 -15.88 -0.15 13.72
C HIS A 45 -16.25 0.30 13.87
N GLY A 46 -16.84 -0.70 12.99
N GLY A 46 -17.36 -0.05 13.20
CA GLY A 46 -18.02 -1.25 13.62
CA GLY A 46 -18.53 -0.58 13.87
C GLY A 46 -17.95 -2.70 14.06
C GLY A 46 -18.40 -2.06 14.23
N GLY A 47 -17.23 -3.51 13.30
N GLY A 47 -17.97 -2.89 13.27
CA GLY A 47 -17.23 -4.94 13.50
CA GLY A 47 -17.86 -4.32 13.50
C GLY A 47 -15.99 -5.58 12.91
C GLY A 47 -16.60 -4.91 12.88
N GLY A 48 -15.95 -6.91 12.99
N GLY A 48 -16.47 -6.24 13.02
CA GLY A 48 -14.77 -7.62 12.54
CA GLY A 48 -15.35 -6.96 12.43
C GLY A 48 -13.54 -7.19 13.31
C GLY A 48 -14.04 -6.67 13.19
N VAL A 49 -12.39 -7.25 12.64
N VAL A 49 -12.94 -6.87 12.47
CA VAL A 49 -11.14 -6.83 13.25
CA VAL A 49 -11.61 -6.56 13.01
C VAL A 49 -11.21 -5.37 13.69
C VAL A 49 -11.56 -5.13 13.54
N ALA A 50 -11.78 -4.51 12.84
N ALA A 50 -11.98 -4.18 12.70
CA ALA A 50 -11.80 -3.09 13.15
CA ALA A 50 -11.95 -2.77 13.07
C ALA A 50 -12.61 -2.82 14.42
C ALA A 50 -12.73 -2.51 14.36
N GLY A 51 -13.79 -3.43 14.52
N GLY A 51 -13.93 -3.08 14.48
CA GLY A 51 -14.59 -3.24 15.72
CA GLY A 51 -14.74 -2.88 15.68
C GLY A 51 -13.87 -3.70 16.96
C GLY A 51 -14.08 -3.45 16.93
N ALA A 52 -13.14 -4.83 16.85
N ALA A 52 -13.36 -4.57 16.78
CA ALA A 52 -12.40 -5.35 18.00
CA ALA A 52 -12.69 -5.17 17.93
C ALA A 52 -11.24 -4.44 18.38
C ALA A 52 -11.47 -4.37 18.36
N LEU A 53 -10.45 -3.99 17.40
N LEU A 53 -10.63 -3.97 17.39
CA LEU A 53 -9.34 -3.08 17.71
CA LEU A 53 -9.46 -3.14 17.71
C LEU A 53 -9.87 -1.79 18.33
C LEU A 53 -9.91 -1.85 18.36
N ASN A 54 -10.92 -1.23 17.76
CA ASN A 54 -11.43 0.04 18.29
C ASN A 54 -11.95 -0.12 19.72
N LYS A 55 -12.68 -1.21 19.99
CA LYS A 55 -13.18 -1.47 21.33
C LYS A 55 -12.04 -1.53 22.33
N ALA A 56 -10.93 -2.17 21.95
CA ALA A 56 -9.77 -2.28 22.82
C ALA A 56 -9.12 -0.93 23.14
N THR A 57 -9.30 0.07 22.26
CA THR A 57 -8.83 1.43 22.51
C THR A 57 -9.86 2.29 23.24
N ASN A 58 -10.96 1.71 23.69
CA ASN A 58 -12.00 2.46 24.40
C ASN A 58 -12.58 3.56 23.50
N ASN A 59 -12.65 3.29 22.19
CA ASN A 59 -13.23 4.16 21.16
C ASN A 59 -12.28 5.31 20.78
N ALA A 60 -11.07 5.38 21.31
CA ALA A 60 -10.16 6.44 20.91
C ALA A 60 -9.77 6.33 19.44
N MET A 61 -9.64 5.10 18.93
CA MET A 61 -9.38 4.92 17.51
C MET A 61 -10.48 5.56 16.65
N GLN A 62 -11.75 5.36 17.04
CA GLN A 62 -12.85 5.95 16.28
C GLN A 62 -12.82 7.47 16.33
N VAL A 63 -12.56 8.04 17.51
CA VAL A 63 -12.50 9.49 17.65
C VAL A 63 -11.42 10.08 16.74
N GLU A 64 -10.23 9.48 16.76
CA GLU A 64 -9.15 9.94 15.91
C GLU A 64 -9.52 9.78 14.44
N SER A 65 -10.16 8.66 14.09
CA SER A 65 -10.53 8.39 12.72
C SER A 65 -11.57 9.38 12.20
N ASP A 66 -12.53 9.75 13.04
CA ASP A 66 -13.55 10.69 12.60
C ASP A 66 -12.93 12.05 12.27
N ASP A 67 -11.95 12.48 13.07
CA ASP A 67 -11.24 13.71 12.74
C ASP A 67 -10.44 13.57 11.44
N TYR A 68 -9.81 12.41 11.22
CA TYR A 68 -9.07 12.18 9.97
C TYR A 68 -9.99 12.32 8.76
N ILE A 69 -11.17 11.68 8.82
CA ILE A 69 -12.10 11.72 7.69
C ILE A 69 -12.65 13.13 7.49
N ALA A 70 -12.95 13.83 8.57
CA ALA A 70 -13.48 15.18 8.43
C ALA A 70 -12.47 16.08 7.72
N THR A 71 -11.17 15.85 7.92
CA THR A 71 -10.15 16.66 7.28
C THR A 71 -9.85 16.19 5.86
N ASN A 72 -9.76 14.87 5.64
CA ASN A 72 -9.18 14.33 4.42
C ASN A 72 -10.17 13.64 3.50
N GLY A 73 -11.38 13.36 3.96
CA GLY A 73 -12.30 12.56 3.19
C GLY A 73 -11.94 11.09 3.23
N PRO A 74 -12.77 10.27 2.57
CA PRO A 74 -12.59 8.82 2.63
C PRO A 74 -11.30 8.34 1.97
N LEU A 75 -10.85 7.19 2.43
CA LEU A 75 -9.78 6.47 1.74
C LEU A 75 -10.30 5.88 0.43
N LYS A 76 -9.36 5.39 -0.38
CA LYS A 76 -9.64 4.58 -1.56
C LYS A 76 -9.66 3.11 -1.15
N VAL A 77 -10.53 2.31 -1.81
CA VAL A 77 -10.38 0.86 -1.72
C VAL A 77 -9.01 0.48 -2.29
N GLY A 78 -8.23 -0.27 -1.51
CA GLY A 78 -6.85 -0.56 -1.83
C GLY A 78 -5.87 0.37 -1.17
N GLY A 79 -6.34 1.45 -0.54
CA GLY A 79 -5.49 2.44 0.08
C GLY A 79 -5.35 2.27 1.58
N SER A 80 -4.66 3.23 2.19
CA SER A 80 -4.33 3.15 3.61
C SER A 80 -4.03 4.52 4.16
N CYS A 81 -4.02 4.59 5.50
CA CYS A 81 -3.46 5.73 6.20
C CYS A 81 -2.84 5.26 7.50
N VAL A 82 -1.84 6.00 7.97
CA VAL A 82 -1.18 5.73 9.24
C VAL A 82 -1.75 6.64 10.30
N LEU A 83 -2.28 6.07 11.37
CA LEU A 83 -2.77 6.81 12.52
C LEU A 83 -2.13 6.24 13.77
N SER A 84 -2.54 6.75 14.93
CA SER A 84 -1.99 6.25 16.17
C SER A 84 -2.36 4.79 16.41
N GLY A 85 -1.45 4.07 17.08
CA GLY A 85 -1.76 2.75 17.58
C GLY A 85 -2.35 2.73 18.95
N HIS A 86 -2.53 3.89 19.57
CA HIS A 86 -3.18 4.00 20.88
C HIS A 86 -2.46 3.09 21.87
N ASN A 87 -3.17 2.28 22.63
CA ASN A 87 -2.63 1.38 23.62
C ASN A 87 -2.21 0.05 23.02
N LEU A 88 -2.31 -0.12 21.70
CA LEU A 88 -2.05 -1.41 21.06
C LEU A 88 -0.74 -1.50 20.30
N ALA A 89 -0.18 -0.38 19.86
CA ALA A 89 0.99 -0.38 18.98
C ALA A 89 1.45 1.06 18.89
N LYS A 90 2.64 1.27 18.33
CA LYS A 90 3.03 2.66 18.07
C LYS A 90 2.10 3.30 17.06
N HIS A 91 1.87 2.62 15.95
CA HIS A 91 1.07 3.10 14.84
C HIS A 91 0.05 2.03 14.46
N CYS A 92 -1.08 2.50 13.92
CA CYS A 92 -2.03 1.64 13.25
C CYS A 92 -2.06 2.00 11.77
N LEU A 93 -1.77 1.02 10.92
CA LEU A 93 -1.92 1.17 9.48
C LEU A 93 -3.32 0.68 9.11
N HIS A 94 -4.21 1.62 8.81
CA HIS A 94 -5.58 1.30 8.39
C HIS A 94 -5.55 1.00 6.91
N VAL A 95 -5.83 -0.24 6.53
CA VAL A 95 -5.74 -0.69 5.14
C VAL A 95 -7.12 -1.14 4.69
N VAL A 96 -7.57 -0.66 3.53
CA VAL A 96 -8.88 -0.99 2.99
C VAL A 96 -8.71 -2.08 1.93
N GLY A 97 -9.05 -3.32 2.29
CA GLY A 97 -9.20 -4.38 1.33
C GLY A 97 -10.57 -4.28 0.69
N PRO A 98 -10.72 -4.84 -0.53
N PRO A 98 -10.77 -4.85 -0.49
CA PRO A 98 -12.05 -4.89 -1.16
CA PRO A 98 -12.12 -4.87 -1.07
C PRO A 98 -13.02 -5.73 -0.32
C PRO A 98 -13.10 -5.62 -0.16
N ASN A 99 -14.24 -5.26 -0.21
N ASN A 99 -14.33 -5.10 -0.04
CA ASN A 99 -15.30 -5.97 0.49
CA ASN A 99 -15.39 -5.82 0.67
C ASN A 99 -16.17 -6.64 -0.58
C ASN A 99 -16.22 -6.59 -0.36
N VAL A 100 -16.07 -7.97 -0.64
N VAL A 100 -15.86 -7.86 -0.58
CA VAL A 100 -16.84 -8.74 -1.62
CA VAL A 100 -16.59 -8.69 -1.55
C VAL A 100 -18.33 -8.55 -1.39
C VAL A 100 -18.09 -8.64 -1.26
N ASN A 101 -18.74 -8.38 -0.13
N ASN A 101 -18.47 -8.81 0.01
CA ASN A 101 -20.16 -8.16 0.16
CA ASN A 101 -19.88 -8.74 0.41
C ASN A 101 -20.64 -6.76 -0.25
C ASN A 101 -20.53 -7.41 0.02
N LYS A 102 -19.74 -5.93 -0.80
N LYS A 102 -19.78 -6.30 0.08
CA LYS A 102 -20.12 -4.69 -1.47
CA LYS A 102 -20.30 -4.98 -0.32
C LYS A 102 -19.86 -4.73 -2.97
C LYS A 102 -20.25 -4.78 -1.84
N GLY A 103 -19.39 -5.87 -3.51
N GLY A 103 -19.63 -5.69 -2.58
CA GLY A 103 -19.14 -5.98 -4.93
CA GLY A 103 -19.57 -5.62 -4.04
C GLY A 103 -17.84 -5.40 -5.42
C GLY A 103 -18.30 -5.03 -4.62
N GLU A 104 -16.87 -5.19 -4.54
N GLU A 104 -17.17 -5.14 -3.92
CA GLU A 104 -15.62 -4.52 -4.90
CA GLU A 104 -15.90 -4.57 -4.38
C GLU A 104 -14.64 -5.51 -5.54
C GLU A 104 -15.08 -5.58 -5.20
N ASP A 105 -13.83 -4.99 -6.46
N ASP A 105 -14.15 -5.06 -6.03
CA ASP A 105 -13.01 -5.82 -7.32
CA ASP A 105 -13.36 -5.91 -6.93
C ASP A 105 -11.90 -6.46 -6.48
C ASP A 105 -12.16 -6.52 -6.21
N ILE A 106 -11.87 -7.79 -6.50
CA ILE A 106 -10.89 -8.55 -5.71
C ILE A 106 -9.46 -8.30 -6.16
N GLN A 107 -9.26 -7.89 -7.41
N GLN A 107 -9.24 -7.88 -7.42
CA GLN A 107 -7.92 -7.53 -7.85
CA GLN A 107 -7.90 -7.49 -7.89
C GLN A 107 -7.34 -6.42 -7.00
C GLN A 107 -7.34 -6.36 -7.04
N LEU A 108 -8.20 -5.63 -6.33
CA LEU A 108 -7.72 -4.55 -5.48
C LEU A 108 -7.05 -5.10 -4.24
N LEU A 109 -7.16 -6.40 -3.99
CA LEU A 109 -6.53 -6.98 -2.81
C LEU A 109 -5.00 -6.85 -2.90
N LYS A 110 -4.43 -7.02 -4.09
CA LYS A 110 -2.98 -6.87 -4.23
C LYS A 110 -2.56 -5.44 -3.90
N SER A 111 -3.29 -4.45 -4.42
CA SER A 111 -2.98 -3.05 -4.10
C SER A 111 -3.04 -2.81 -2.60
N ALA A 112 -4.04 -3.40 -1.92
CA ALA A 112 -4.16 -3.25 -0.48
C ALA A 112 -2.92 -3.76 0.24
N TYR A 113 -2.46 -4.97 -0.12
CA TYR A 113 -1.28 -5.54 0.53
C TYR A 113 -0.01 -4.75 0.22
N GLU A 114 0.05 -4.06 -0.94
CA GLU A 114 1.25 -3.28 -1.25
C GLU A 114 1.53 -2.22 -0.18
N ASN A 115 0.49 -1.75 0.51
CA ASN A 115 0.71 -0.77 1.58
C ASN A 115 1.62 -1.33 2.66
N PHE A 116 1.62 -2.64 2.87
CA PHE A 116 2.46 -3.23 3.92
C PHE A 116 3.95 -3.01 3.64
N ASN A 117 4.32 -2.86 2.36
CA ASN A 117 5.74 -2.75 1.99
C ASN A 117 6.37 -1.45 2.45
N GLN A 118 5.57 -0.49 2.92
CA GLN A 118 6.09 0.75 3.45
C GLN A 118 6.52 0.63 4.91
N HIS A 119 6.43 -0.57 5.49
CA HIS A 119 6.74 -0.80 6.91
C HIS A 119 7.57 -2.06 7.04
N GLU A 120 8.68 -1.95 7.78
CA GLU A 120 9.64 -3.06 7.82
C GLU A 120 9.07 -4.30 8.51
N VAL A 121 8.25 -4.10 9.54
CA VAL A 121 7.65 -5.18 10.33
C VAL A 121 6.22 -4.79 10.69
N LEU A 122 5.29 -5.73 10.56
CA LEU A 122 3.88 -5.48 10.87
C LEU A 122 3.23 -6.69 11.50
N LEU A 123 2.27 -6.44 12.37
N LEU A 123 2.38 -6.41 12.50
CA LEU A 123 1.29 -7.42 12.83
CA LEU A 123 1.48 -7.38 13.11
C LEU A 123 0.00 -7.15 12.08
C LEU A 123 0.14 -7.13 12.47
N ALA A 124 -0.60 -8.17 11.46
N ALA A 124 -0.37 -8.08 11.70
CA ALA A 124 -1.70 -7.93 10.55
CA ALA A 124 -1.57 -7.76 10.95
C ALA A 124 -2.70 -9.07 10.52
C ALA A 124 -2.51 -8.95 10.87
N PRO A 125 -3.95 -8.78 10.16
N PRO A 125 -3.78 -8.68 10.65
CA PRO A 125 -4.91 -9.81 9.79
CA PRO A 125 -4.74 -9.75 10.39
C PRO A 125 -4.82 -10.07 8.28
C PRO A 125 -4.78 -10.01 8.89
N LEU A 126 -5.46 -11.15 7.85
N LEU A 126 -5.54 -11.01 8.47
CA LEU A 126 -5.62 -11.38 6.42
CA LEU A 126 -5.81 -11.22 7.05
C LEU A 126 -6.62 -10.39 5.84
C LEU A 126 -6.69 -10.08 6.54
N LEU A 127 -6.17 -9.59 4.90
N LEU A 127 -6.58 -9.73 5.25
CA LEU A 127 -7.02 -8.56 4.29
CA LEU A 127 -7.43 -8.69 4.68
C LEU A 127 -8.16 -9.19 3.52
C LEU A 127 -8.46 -9.28 3.71
N SER A 128 -9.32 -8.56 3.61
N SER A 128 -9.66 -8.67 3.69
CA SER A 128 -10.55 -8.94 2.93
CA SER A 128 -10.77 -9.00 2.79
C SER A 128 -11.14 -10.24 3.45
C SER A 128 -11.45 -10.35 3.08
N ALA A 129 -10.57 -10.86 4.49
N ALA A 129 -11.07 -11.04 4.16
CA ALA A 129 -11.13 -12.06 5.08
CA ALA A 129 -11.66 -12.32 4.54
C ALA A 129 -12.27 -11.69 6.03
C ALA A 129 -12.76 -12.09 5.59
N GLY A 130 -12.80 -12.69 6.73
N GLY A 130 -13.12 -13.15 6.31
CA GLY A 130 -13.87 -12.44 7.67
CA GLY A 130 -14.17 -13.03 7.32
C GLY A 130 -15.07 -11.80 7.01
C GLY A 130 -15.36 -12.31 6.69
N ILE A 131 -15.60 -10.75 7.65
N ILE A 131 -15.88 -11.25 7.33
CA ILE A 131 -16.81 -10.11 7.16
CA ILE A 131 -17.11 -10.62 6.87
C ILE A 131 -16.61 -9.35 5.85
C ILE A 131 -16.91 -9.75 5.63
N PHE A 132 -15.38 -9.22 5.35
N PHE A 132 -15.67 -9.59 5.15
CA PHE A 132 -15.15 -8.64 4.03
CA PHE A 132 -15.46 -8.85 3.90
C PHE A 132 -15.41 -9.64 2.90
C PHE A 132 -15.79 -9.70 2.66
N GLY A 133 -15.59 -10.92 3.21
N GLY A 133 -15.94 -11.01 2.83
CA GLY A 133 -16.17 -11.84 2.25
CA GLY A 133 -16.53 -11.89 1.84
C GLY A 133 -15.25 -12.54 1.30
C GLY A 133 -15.61 -12.54 0.82
N ALA A 134 -13.94 -12.26 1.31
N ALA A 134 -14.29 -12.38 0.94
CA ALA A 134 -13.05 -12.94 0.39
CA ALA A 134 -13.39 -13.02 -0.02
C ALA A 134 -12.63 -14.29 0.97
C ALA A 134 -12.89 -14.37 0.50
N ASP A 135 -12.09 -15.14 0.08
N ASP A 135 -12.26 -15.16 -0.39
CA ASP A 135 -11.56 -16.43 0.48
CA ASP A 135 -11.75 -16.48 -0.02
C ASP A 135 -10.24 -16.21 1.22
C ASP A 135 -10.44 -16.35 0.76
N PRO A 136 -10.13 -16.57 2.50
N PRO A 136 -10.35 -16.88 1.99
CA PRO A 136 -8.86 -16.33 3.22
CA PRO A 136 -9.10 -16.69 2.78
C PRO A 136 -7.67 -17.06 2.64
C PRO A 136 -7.86 -17.36 2.19
N ILE A 137 -7.86 -18.23 2.01
N ILE A 137 -7.99 -18.57 1.64
CA ILE A 137 -6.76 -18.92 1.34
CA ILE A 137 -6.82 -19.22 1.01
C ILE A 137 -6.21 -18.05 0.22
C ILE A 137 -6.24 -18.27 0.01
N HIS A 138 -7.10 -17.44 -0.58
CA HIS A 138 -6.66 -16.50 -1.61
C HIS A 138 -5.96 -15.30 -1.00
N SER A 139 -6.51 -14.75 0.08
CA SER A 139 -5.87 -13.61 0.71
C SER A 139 -4.45 -13.94 1.16
N LEU A 140 -4.25 -15.12 1.74
CA LEU A 140 -2.91 -15.51 2.17
C LEU A 140 -1.97 -15.62 0.97
N ARG A 141 -2.45 -16.18 -0.15
CA ARG A 141 -1.62 -16.30 -1.33
C ARG A 141 -1.20 -14.91 -1.84
N VAL A 142 -2.15 -13.97 -1.92
CA VAL A 142 -1.81 -12.62 -2.36
C VAL A 142 -0.82 -11.98 -1.40
N CYS A 143 -1.03 -12.17 -0.09
CA CYS A 143 -0.09 -11.63 0.90
C CYS A 143 1.33 -12.12 0.62
N VAL A 144 1.50 -13.43 0.51
CA VAL A 144 2.82 -14.01 0.31
C VAL A 144 3.45 -13.53 -0.98
N ASP A 145 2.65 -13.35 -2.02
CA ASP A 145 3.16 -12.96 -3.34
C ASP A 145 3.28 -11.44 -3.51
N THR A 146 2.91 -10.64 -2.51
CA THR A 146 2.93 -9.19 -2.62
C THR A 146 3.79 -8.52 -1.56
N VAL A 147 3.69 -8.96 -0.31
CA VAL A 147 4.40 -8.32 0.78
C VAL A 147 5.83 -8.86 0.81
N ARG A 148 6.78 -7.96 0.84
CA ARG A 148 8.21 -8.27 0.91
C ARG A 148 8.82 -7.94 2.27
N THR A 149 8.13 -7.12 3.07
CA THR A 149 8.56 -6.81 4.42
C THR A 149 8.07 -7.92 5.35
N ASN A 150 8.45 -7.83 6.62
CA ASN A 150 8.22 -8.93 7.55
C ASN A 150 6.84 -8.80 8.18
N VAL A 151 5.97 -9.75 7.87
CA VAL A 151 4.58 -9.69 8.30
C VAL A 151 4.26 -10.88 9.19
N TYR A 152 3.61 -10.59 10.31
N TYR A 152 3.89 -10.57 10.44
CA TYR A 152 3.15 -11.55 11.28
CA TYR A 152 3.47 -11.52 11.47
C TYR A 152 1.63 -11.55 11.23
C TYR A 152 1.94 -11.49 11.51
N LEU A 153 1.07 -12.63 10.69
N LEU A 153 1.32 -12.50 10.93
CA LEU A 153 -0.36 -12.73 10.48
CA LEU A 153 -0.13 -12.54 10.78
C LEU A 153 -1.03 -13.43 11.66
C LEU A 153 -0.78 -13.19 12.00
N ALA A 154 -2.07 -12.78 12.20
N ALA A 154 -1.65 -12.45 12.68
CA ALA A 154 -2.87 -13.32 13.28
CA ALA A 154 -2.39 -12.97 13.83
C ALA A 154 -4.20 -13.76 12.70
C ALA A 154 -3.74 -13.50 13.35
N VAL A 155 -4.52 -15.04 12.89
N VAL A 155 -3.97 -14.81 13.48
CA VAL A 155 -5.76 -15.63 12.41
CA VAL A 155 -5.23 -15.42 13.04
C VAL A 155 -6.58 -16.04 13.63
C VAL A 155 -6.11 -15.66 14.27
N PHE A 156 -7.74 -15.39 13.81
N PHE A 156 -7.26 -14.97 14.33
CA PHE A 156 -8.55 -15.60 15.01
CA PHE A 156 -8.15 -15.05 15.48
C PHE A 156 -9.10 -17.02 15.10
C PHE A 156 -8.83 -16.42 15.57
N ASP A 157 -9.61 -17.55 14.00
N ASP A 157 -9.34 -16.93 14.45
CA ASP A 157 -10.32 -18.82 14.01
CA ASP A 157 -10.05 -18.21 14.42
C ASP A 157 -9.34 -19.98 13.90
C ASP A 157 -9.05 -19.37 14.40
N LYS A 158 -9.32 -20.87 14.90
N LYS A 158 -9.09 -20.23 15.44
CA LYS A 158 -8.40 -22.00 14.90
CA LYS A 158 -8.20 -21.39 15.48
C LYS A 158 -8.66 -22.91 13.70
C LYS A 158 -8.41 -22.28 14.27
N ASN A 159 -9.94 -23.22 13.43
N ASN A 159 -9.67 -22.63 13.98
CA ASN A 159 -10.25 -24.07 12.28
CA ASN A 159 -9.96 -23.49 12.83
C ASN A 159 -9.71 -23.47 10.99
C ASN A 159 -9.34 -22.93 11.55
N LEU A 160 -9.86 -22.17 10.81
N LEU A 160 -9.54 -21.63 11.31
CA LEU A 160 -9.34 -21.52 9.61
CA LEU A 160 -8.95 -20.98 10.15
C LEU A 160 -7.83 -21.55 9.58
C LEU A 160 -7.43 -21.12 10.16
N TYR A 161 -7.20 -21.27 10.72
N TYR A 161 -6.80 -20.91 11.32
CA TYR A 161 -5.75 -21.31 10.78
CA TYR A 161 -5.35 -21.09 11.40
C TYR A 161 -5.22 -22.66 10.31
C TYR A 161 -4.94 -22.48 10.92
N ASP A 162 -5.79 -23.75 10.83
N ASP A 162 -5.61 -23.52 11.43
CA ASP A 162 -5.30 -25.08 10.44
CA ASP A 162 -5.32 -24.90 11.02
C ASP A 162 -5.51 -25.33 8.95
C ASP A 162 -5.37 -25.04 9.51
N LYS A 163 -6.61 -24.83 8.39
N LYS A 163 -6.53 -24.74 8.91
CA LYS A 163 -6.86 -24.99 6.97
CA LYS A 163 -6.76 -24.91 7.47
C LYS A 163 -5.88 -24.17 6.15
C LYS A 163 -5.64 -24.28 6.62
N LEU A 164 -5.59 -22.94 6.60
CA LEU A 164 -4.60 -22.13 5.88
C LEU A 164 -3.22 -22.78 5.84
N VAL A 165 -2.78 -23.30 6.99
CA VAL A 165 -1.48 -23.97 7.05
C VAL A 165 -1.49 -25.21 6.19
N SER A 166 -2.50 -26.06 6.36
CA SER A 166 -2.53 -27.35 5.70
C SER A 166 -2.68 -27.24 4.20
N SER A 167 -3.21 -26.14 3.69
CA SER A 167 -3.39 -25.95 2.25
C SER A 167 -2.33 -25.04 1.64
N PHE A 168 -1.35 -24.58 2.43
CA PHE A 168 -0.39 -23.60 1.93
C PHE A 168 0.59 -24.25 0.96
N LEU A 169 0.76 -23.63 -0.21
CA LEU A 169 1.70 -24.15 -1.18
C LEU A 169 3.02 -23.39 -1.04
N SER B 1 -14.83 19.45 -21.33
CA SER B 1 -13.36 19.55 -21.13
C SER B 1 -12.59 18.25 -21.33
N MET B 2 -11.35 18.44 -21.78
N MET B 2 -11.38 18.41 -21.82
CA MET B 2 -10.46 17.34 -22.10
CA MET B 2 -10.47 17.33 -22.20
C MET B 2 -9.43 17.19 -21.01
C MET B 2 -9.40 17.14 -21.12
N VAL B 3 -9.48 16.06 -20.34
CA VAL B 3 -8.47 15.66 -19.37
C VAL B 3 -7.97 14.26 -19.75
N ASN B 4 -6.75 13.95 -19.35
CA ASN B 4 -6.16 12.63 -19.63
C ASN B 4 -6.23 12.29 -21.12
N SER B 5 -5.91 13.27 -21.97
CA SER B 5 -5.97 13.09 -23.43
C SER B 5 -4.55 12.80 -23.91
N PHE B 6 -4.13 11.55 -23.71
CA PHE B 6 -2.80 11.09 -24.08
C PHE B 6 -2.81 10.69 -25.55
N SER B 7 -1.83 11.19 -26.32
CA SER B 7 -1.71 10.84 -27.72
C SER B 7 -0.26 10.64 -28.14
N GLY B 8 -0.07 9.75 -29.12
CA GLY B 8 1.25 9.47 -29.67
C GLY B 8 2.04 8.50 -28.83
N TYR B 9 1.39 7.77 -27.91
CA TYR B 9 2.09 6.79 -27.09
C TYR B 9 2.15 5.43 -27.76
N LEU B 10 3.26 4.73 -27.51
CA LEU B 10 3.48 3.38 -27.95
C LEU B 10 3.11 2.43 -26.81
N LYS B 11 2.30 1.44 -27.13
N LYS B 11 2.25 1.46 -27.10
CA LYS B 11 1.85 0.46 -26.15
CA LYS B 11 1.82 0.48 -26.10
C LYS B 11 2.96 -0.57 -25.91
C LYS B 11 2.92 -0.56 -25.90
N LEU B 12 3.38 -0.72 -24.65
CA LEU B 12 4.34 -1.75 -24.27
C LEU B 12 3.64 -2.97 -23.69
N THR B 13 2.68 -2.74 -22.78
CA THR B 13 1.86 -3.79 -22.21
C THR B 13 0.43 -3.25 -22.19
N ASP B 14 -0.50 -4.05 -21.67
CA ASP B 14 -1.88 -3.62 -21.64
C ASP B 14 -2.08 -2.35 -20.81
N ASN B 15 -1.15 -2.04 -19.90
CA ASN B 15 -1.31 -0.85 -19.05
C ASN B 15 -0.13 0.12 -19.05
N VAL B 16 0.94 -0.16 -19.79
CA VAL B 16 2.12 0.70 -19.80
C VAL B 16 2.35 1.20 -21.22
N TYR B 17 2.45 2.53 -21.36
CA TYR B 17 2.59 3.22 -22.62
C TYR B 17 3.79 4.15 -22.52
N ILE B 18 4.42 4.46 -23.67
CA ILE B 18 5.65 5.26 -23.63
C ILE B 18 5.70 6.21 -24.82
N LYS B 19 6.31 7.38 -24.60
CA LYS B 19 6.41 8.42 -25.63
C LYS B 19 7.71 9.17 -25.45
N ASN B 20 8.32 9.58 -26.56
CA ASN B 20 9.45 10.50 -26.54
C ASN B 20 8.89 11.90 -26.40
N ALA B 21 8.99 12.50 -25.21
CA ALA B 21 8.34 13.76 -24.93
C ALA B 21 8.94 14.39 -23.69
N ASP B 22 8.83 15.72 -23.62
CA ASP B 22 9.14 16.54 -22.45
C ASP B 22 7.91 16.48 -21.53
N ILE B 23 8.10 15.95 -20.32
CA ILE B 23 6.97 15.70 -19.43
C ILE B 23 6.21 16.96 -19.06
N VAL B 24 6.88 18.11 -18.99
CA VAL B 24 6.19 19.37 -18.71
C VAL B 24 5.28 19.73 -19.87
N GLU B 25 5.80 19.68 -21.09
CA GLU B 25 5.00 19.96 -22.27
C GLU B 25 3.85 18.97 -22.39
N GLU B 26 4.11 17.70 -22.07
CA GLU B 26 3.06 16.69 -22.11
C GLU B 26 1.98 17.01 -21.10
N ALA B 27 2.38 17.35 -19.87
CA ALA B 27 1.39 17.65 -18.85
C ALA B 27 0.48 18.79 -19.28
N LYS B 28 1.07 19.85 -19.84
CA LYS B 28 0.27 21.00 -20.24
C LYS B 28 -0.71 20.65 -21.36
N LYS B 29 -0.34 19.69 -22.20
N LYS B 29 -0.34 19.71 -22.25
CA LYS B 29 -1.20 19.31 -23.30
CA LYS B 29 -1.19 19.28 -23.36
C LYS B 29 -2.24 18.25 -22.93
C LYS B 29 -2.26 18.27 -22.90
N VAL B 30 -1.83 17.22 -22.19
CA VAL B 30 -2.68 16.08 -21.83
C VAL B 30 -3.69 16.46 -20.76
N LYS B 31 -3.34 17.41 -19.90
N LYS B 31 -3.35 17.38 -19.93
CA LYS B 31 -4.13 17.77 -18.72
CA LYS B 31 -4.19 17.75 -18.80
C LYS B 31 -4.44 16.55 -17.87
C LYS B 31 -4.45 16.51 -17.93
N PRO B 32 -3.41 15.87 -17.35
CA PRO B 32 -3.63 14.64 -16.59
C PRO B 32 -4.19 14.91 -15.21
N THR B 33 -4.93 13.93 -14.69
CA THR B 33 -5.33 13.97 -13.29
C THR B 33 -4.11 13.92 -12.39
N VAL B 34 -3.10 13.12 -12.76
CA VAL B 34 -1.92 12.93 -11.93
C VAL B 34 -0.67 13.02 -12.78
N VAL B 35 0.26 13.89 -12.39
CA VAL B 35 1.63 13.84 -12.90
C VAL B 35 2.53 13.38 -11.76
N VAL B 36 3.44 12.46 -12.06
CA VAL B 36 4.39 11.95 -11.08
C VAL B 36 5.66 12.80 -11.10
N ASN B 37 6.11 13.19 -9.92
CA ASN B 37 7.42 13.82 -9.76
C ASN B 37 8.43 12.80 -9.23
N ALA B 38 9.63 12.87 -9.80
CA ALA B 38 10.79 12.12 -9.33
C ALA B 38 11.39 12.87 -8.15
N ALA B 39 10.78 12.67 -6.98
CA ALA B 39 11.07 13.43 -5.76
C ALA B 39 12.17 12.79 -4.93
N ASN B 40 12.66 13.57 -3.97
CA ASN B 40 13.51 13.09 -2.88
C ASN B 40 12.77 13.28 -1.56
N VAL B 41 13.33 12.73 -0.49
CA VAL B 41 12.58 12.62 0.77
C VAL B 41 12.23 13.99 1.37
N TYR B 42 13.02 15.01 1.11
CA TYR B 42 12.74 16.35 1.62
C TYR B 42 12.05 17.24 0.58
N LEU B 43 11.62 16.67 -0.53
CA LEU B 43 10.87 17.42 -1.55
C LEU B 43 11.62 18.69 -1.95
N LYS B 44 12.93 18.57 -2.15
CA LYS B 44 13.78 19.66 -2.63
C LYS B 44 13.95 19.46 -4.13
N HIS B 45 13.25 20.28 -4.91
CA HIS B 45 13.07 20.04 -6.34
C HIS B 45 14.15 20.78 -7.14
N GLY B 46 15.38 20.26 -7.04
CA GLY B 46 16.51 20.95 -7.64
C GLY B 46 16.79 20.66 -9.10
N GLY B 47 16.81 19.38 -9.46
CA GLY B 47 17.41 18.96 -10.72
C GLY B 47 16.48 18.01 -11.46
N GLY B 48 16.86 17.66 -12.68
CA GLY B 48 16.12 16.66 -13.43
C GLY B 48 14.65 17.01 -13.52
N VAL B 49 13.82 15.96 -13.44
CA VAL B 49 12.38 16.12 -13.57
C VAL B 49 11.84 17.09 -12.52
N ALA B 50 12.24 16.92 -11.26
CA ALA B 50 11.67 17.74 -10.20
C ALA B 50 11.98 19.23 -10.44
N GLY B 51 13.21 19.54 -10.83
CA GLY B 51 13.55 20.92 -11.13
C GLY B 51 12.68 21.48 -12.25
N ALA B 52 12.46 20.70 -13.30
CA ALA B 52 11.65 21.15 -14.42
C ALA B 52 10.20 21.36 -14.03
N LEU B 53 9.62 20.41 -13.29
CA LEU B 53 8.23 20.58 -12.87
C LEU B 53 8.10 21.81 -11.97
N ASN B 54 9.00 21.96 -11.01
CA ASN B 54 8.91 23.10 -10.10
C ASN B 54 9.05 24.42 -10.86
N LYS B 55 10.00 24.49 -11.78
CA LYS B 55 10.16 25.71 -12.57
C LYS B 55 8.89 26.05 -13.34
N ALA B 56 8.22 25.05 -13.91
CA ALA B 56 6.99 25.29 -14.65
C ALA B 56 5.92 25.89 -13.76
N THR B 57 5.93 25.56 -12.46
CA THR B 57 4.98 26.13 -11.51
C THR B 57 5.44 27.47 -10.95
N ASN B 58 6.54 28.03 -11.46
CA ASN B 58 7.05 29.30 -10.94
C ASN B 58 7.33 29.20 -9.45
N ASN B 59 7.87 28.04 -9.01
CA ASN B 59 8.31 27.76 -7.64
C ASN B 59 7.14 27.51 -6.68
N ALA B 60 5.88 27.53 -7.15
CA ALA B 60 4.77 27.25 -6.23
C ALA B 60 4.84 25.84 -5.67
N MET B 61 5.33 24.89 -6.47
CA MET B 61 5.48 23.53 -5.98
C MET B 61 6.47 23.48 -4.82
N GLN B 62 7.59 24.21 -4.90
CA GLN B 62 8.57 24.18 -3.83
C GLN B 62 8.03 24.80 -2.56
N VAL B 63 7.31 25.92 -2.68
CA VAL B 63 6.73 26.56 -1.49
C VAL B 63 5.75 25.61 -0.81
N GLU B 64 4.87 25.00 -1.59
CA GLU B 64 3.91 24.04 -1.05
C GLU B 64 4.62 22.84 -0.42
N SER B 65 5.69 22.37 -1.07
CA SER B 65 6.44 21.23 -0.57
C SER B 65 7.11 21.53 0.77
N ASP B 66 7.71 22.72 0.89
CA ASP B 66 8.37 23.07 2.15
C ASP B 66 7.37 23.13 3.29
N ASP B 67 6.17 23.63 3.02
CA ASP B 67 5.12 23.64 4.05
C ASP B 67 4.71 22.21 4.42
N TYR B 68 4.57 21.33 3.42
CA TYR B 68 4.26 19.92 3.68
C TYR B 68 5.30 19.31 4.60
N ILE B 69 6.59 19.55 4.33
CA ILE B 69 7.67 18.98 5.14
C ILE B 69 7.63 19.54 6.55
N ALA B 70 7.37 20.83 6.70
CA ALA B 70 7.30 21.41 8.04
C ALA B 70 6.24 20.70 8.88
N THR B 71 5.11 20.36 8.27
CA THR B 71 4.00 19.73 8.98
C THR B 71 4.22 18.23 9.20
N ASN B 72 4.81 17.54 8.22
CA ASN B 72 4.80 16.08 8.17
C ASN B 72 6.17 15.43 8.28
N GLY B 73 7.25 16.17 8.12
CA GLY B 73 8.57 15.56 8.05
C GLY B 73 8.82 14.90 6.71
N PRO B 74 10.04 14.37 6.55
CA PRO B 74 10.43 13.80 5.26
C PRO B 74 9.68 12.51 4.95
N LEU B 75 9.57 12.23 3.65
CA LEU B 75 9.07 10.96 3.17
C LEU B 75 10.11 9.86 3.42
N LYS B 76 9.68 8.62 3.21
CA LYS B 76 10.55 7.44 3.16
C LYS B 76 10.97 7.19 1.70
N VAL B 77 12.20 6.71 1.49
CA VAL B 77 12.56 6.18 0.17
C VAL B 77 11.61 5.03 -0.13
N GLY B 78 10.98 5.07 -1.31
CA GLY B 78 9.94 4.15 -1.68
C GLY B 78 8.55 4.65 -1.43
N GLY B 79 8.41 5.78 -0.73
CA GLY B 79 7.12 6.36 -0.40
C GLY B 79 6.71 7.50 -1.33
N SER B 80 5.56 8.10 -1.00
CA SER B 80 5.00 9.16 -1.83
C SER B 80 4.08 10.05 -1.02
N CYS B 81 3.75 11.20 -1.60
CA CYS B 81 2.65 12.02 -1.12
C CYS B 81 1.97 12.68 -2.30
N VAL B 82 0.69 13.00 -2.12
CA VAL B 82 -0.10 13.71 -3.12
C VAL B 82 -0.18 15.18 -2.74
N LEU B 83 0.23 16.05 -3.65
CA LEU B 83 0.11 17.50 -3.48
C LEU B 83 -0.57 18.07 -4.73
N SER B 84 -0.69 19.39 -4.77
CA SER B 84 -1.32 20.01 -5.93
C SER B 84 -0.50 19.79 -7.20
N GLY B 85 -1.18 19.73 -8.34
CA GLY B 85 -0.53 19.73 -9.63
C GLY B 85 -0.38 21.10 -10.25
N HIS B 86 -0.84 22.17 -9.61
CA HIS B 86 -0.57 23.56 -10.06
C HIS B 86 -1.04 23.71 -11.50
N ASN B 87 -0.20 24.18 -12.41
CA ASN B 87 -0.56 24.37 -13.82
C ASN B 87 -0.25 23.15 -14.67
N LEU B 88 0.06 22.01 -14.04
CA LEU B 88 0.48 20.80 -14.75
C LEU B 88 -0.55 19.69 -14.71
N ALA B 89 -1.34 19.60 -13.65
CA ALA B 89 -2.19 18.44 -13.43
C ALA B 89 -3.12 18.77 -12.28
N LYS B 90 -4.15 17.94 -12.09
CA LYS B 90 -4.95 18.10 -10.88
C LYS B 90 -4.08 17.88 -9.65
N HIS B 91 -3.31 16.78 -9.65
CA HIS B 91 -2.46 16.41 -8.53
C HIS B 91 -1.06 16.11 -9.03
N CYS B 92 -0.08 16.34 -8.16
CA CYS B 92 1.26 15.80 -8.35
C CYS B 92 1.50 14.72 -7.31
N LEU B 93 1.82 13.52 -7.77
CA LEU B 93 2.24 12.43 -6.90
C LEU B 93 3.76 12.46 -6.82
N HIS B 94 4.27 12.90 -5.67
CA HIS B 94 5.70 12.96 -5.43
C HIS B 94 6.16 11.58 -4.96
N VAL B 95 6.94 10.87 -5.78
CA VAL B 95 7.36 9.51 -5.47
C VAL B 95 8.87 9.48 -5.32
N VAL B 96 9.35 8.88 -4.25
CA VAL B 96 10.79 8.79 -3.98
C VAL B 96 11.31 7.42 -4.41
N GLY B 97 11.98 7.36 -5.55
CA GLY B 97 12.74 6.18 -5.92
C GLY B 97 14.11 6.22 -5.27
N PRO B 98 14.77 5.07 -5.14
CA PRO B 98 16.15 5.06 -4.64
C PRO B 98 17.09 5.79 -5.58
N ASN B 99 17.97 6.58 -5.00
CA ASN B 99 19.02 7.27 -5.73
C ASN B 99 20.31 6.45 -5.62
N VAL B 100 20.63 5.70 -6.67
CA VAL B 100 21.84 4.87 -6.71
C VAL B 100 23.10 5.74 -6.64
N ASN B 101 23.03 6.99 -7.16
CA ASN B 101 24.18 7.89 -7.07
C ASN B 101 24.45 8.31 -5.62
N LYS B 102 23.53 8.05 -4.71
CA LYS B 102 23.69 8.30 -3.28
C LYS B 102 23.80 7.00 -2.50
N GLY B 103 23.96 5.87 -3.19
CA GLY B 103 24.15 4.56 -2.58
C GLY B 103 22.89 3.93 -2.02
N GLU B 104 21.70 4.35 -2.45
CA GLU B 104 20.47 3.81 -1.91
C GLU B 104 20.14 2.50 -2.60
N ASP B 105 19.40 1.66 -1.90
N ASP B 105 19.41 1.62 -1.91
CA ASP B 105 19.20 0.30 -2.38
CA ASP B 105 19.21 0.25 -2.38
C ASP B 105 18.22 0.28 -3.55
C ASP B 105 18.22 0.24 -3.53
N ILE B 106 18.70 -0.16 -4.72
CA ILE B 106 17.88 -0.27 -5.92
C ILE B 106 16.68 -1.20 -5.70
N GLN B 107 16.77 -2.11 -4.74
CA GLN B 107 15.65 -3.00 -4.43
C GLN B 107 14.39 -2.23 -4.02
N LEU B 108 14.53 -0.98 -3.55
CA LEU B 108 13.39 -0.14 -3.14
C LEU B 108 12.60 0.40 -4.31
N LEU B 109 13.06 0.17 -5.53
CA LEU B 109 12.38 0.69 -6.70
C LEU B 109 10.99 0.05 -6.87
N LYS B 110 10.84 -1.23 -6.53
CA LYS B 110 9.52 -1.84 -6.66
C LYS B 110 8.53 -1.16 -5.71
N SER B 111 8.92 -0.95 -4.44
CA SER B 111 8.05 -0.23 -3.51
C SER B 111 7.67 1.14 -4.05
N ALA B 112 8.62 1.85 -4.65
CA ALA B 112 8.33 3.17 -5.20
C ALA B 112 7.26 3.07 -6.29
N TYR B 113 7.40 2.12 -7.21
CA TYR B 113 6.40 1.98 -8.26
C TYR B 113 5.03 1.55 -7.73
N GLU B 114 4.98 0.82 -6.62
CA GLU B 114 3.68 0.41 -6.08
C GLU B 114 2.80 1.60 -5.78
N ASN B 115 3.38 2.78 -5.51
CA ASN B 115 2.56 3.97 -5.26
C ASN B 115 1.67 4.27 -6.46
N PHE B 116 2.12 3.95 -7.67
CA PHE B 116 1.35 4.27 -8.86
C PHE B 116 0.01 3.53 -8.86
N ASN B 117 -0.06 2.36 -8.21
CA ASN B 117 -1.29 1.55 -8.23
C ASN B 117 -2.44 2.20 -7.48
N GLN B 118 -2.19 3.28 -6.74
CA GLN B 118 -3.26 4.00 -6.06
C GLN B 118 -3.95 5.02 -6.96
N HIS B 119 -3.58 5.09 -8.24
CA HIS B 119 -4.13 6.06 -9.20
C HIS B 119 -4.48 5.34 -10.49
N GLU B 120 -5.68 5.56 -11.02
CA GLU B 120 -6.11 4.80 -12.17
C GLU B 120 -5.32 5.12 -13.43
N VAL B 121 -4.86 6.36 -13.57
CA VAL B 121 -4.08 6.79 -14.73
C VAL B 121 -3.11 7.88 -14.31
N LEU B 122 -1.87 7.80 -14.80
CA LEU B 122 -0.80 8.73 -14.43
C LEU B 122 0.07 9.03 -15.65
N LEU B 123 0.56 10.28 -15.69
CA LEU B 123 1.68 10.69 -16.54
C LEU B 123 2.94 10.65 -15.66
N ALA B 124 3.99 9.96 -16.11
CA ALA B 124 5.11 9.72 -15.20
C ALA B 124 6.44 9.66 -15.93
N PRO B 125 7.53 9.95 -15.22
CA PRO B 125 8.88 9.61 -15.67
C PRO B 125 9.25 8.21 -15.16
N LEU B 126 10.34 7.67 -15.71
CA LEU B 126 10.91 6.44 -15.16
C LEU B 126 11.58 6.73 -13.82
N LEU B 127 11.15 6.04 -12.79
CA LEU B 127 11.67 6.29 -11.46
C LEU B 127 13.13 5.81 -11.36
N SER B 128 13.89 6.56 -10.56
CA SER B 128 15.30 6.31 -10.28
C SER B 128 16.20 6.43 -11.52
N ALA B 129 15.66 6.88 -12.66
CA ALA B 129 16.46 7.11 -13.87
C ALA B 129 17.19 8.45 -13.77
N GLY B 130 18.02 8.69 -14.78
CA GLY B 130 18.62 10.00 -14.96
C GLY B 130 19.54 10.33 -13.81
N ILE B 131 19.29 11.48 -13.18
CA ILE B 131 20.18 11.93 -12.11
C ILE B 131 20.13 11.03 -10.89
N PHE B 132 19.15 10.12 -10.80
CA PHE B 132 19.10 9.15 -9.70
C PHE B 132 19.96 7.92 -9.96
N GLY B 133 20.48 7.72 -11.19
CA GLY B 133 21.57 6.77 -11.43
C GLY B 133 21.21 5.33 -11.70
N ALA B 134 19.95 4.94 -11.68
CA ALA B 134 19.62 3.55 -12.00
C ALA B 134 19.61 3.34 -13.51
N ASP B 135 19.73 2.08 -13.91
CA ASP B 135 19.63 1.71 -15.31
C ASP B 135 18.19 1.93 -15.76
N PRO B 136 17.93 2.83 -16.73
CA PRO B 136 16.53 3.04 -17.14
C PRO B 136 15.88 1.79 -17.70
N ILE B 137 16.65 0.88 -18.30
CA ILE B 137 16.08 -0.38 -18.78
C ILE B 137 15.52 -1.18 -17.62
N HIS B 138 16.24 -1.19 -16.50
CA HIS B 138 15.75 -1.85 -15.30
C HIS B 138 14.53 -1.13 -14.72
N SER B 139 14.53 0.19 -14.74
CA SER B 139 13.38 0.91 -14.21
C SER B 139 12.13 0.59 -15.00
N LEU B 140 12.24 0.50 -16.34
CA LEU B 140 11.11 0.14 -17.15
C LEU B 140 10.64 -1.28 -16.83
N ARG B 141 11.59 -2.20 -16.62
CA ARG B 141 11.28 -3.57 -16.21
C ARG B 141 10.44 -3.60 -14.94
N VAL B 142 10.93 -2.91 -13.92
CA VAL B 142 10.21 -2.89 -12.65
C VAL B 142 8.84 -2.23 -12.82
N CYS B 143 8.78 -1.16 -13.62
CA CYS B 143 7.50 -0.51 -13.87
C CYS B 143 6.50 -1.51 -14.45
N VAL B 144 6.88 -2.20 -15.51
CA VAL B 144 5.96 -3.13 -16.16
C VAL B 144 5.56 -4.26 -15.24
N ASP B 145 6.47 -4.71 -14.39
CA ASP B 145 6.23 -5.85 -13.52
C ASP B 145 5.54 -5.46 -12.23
N THR B 146 5.32 -4.16 -11.98
CA THR B 146 4.75 -3.69 -10.72
C THR B 146 3.47 -2.90 -10.89
N VAL B 147 3.43 -1.99 -11.87
CA VAL B 147 2.29 -1.11 -12.05
C VAL B 147 1.22 -1.86 -12.81
N ARG B 148 -0.02 -1.79 -12.31
CA ARG B 148 -1.17 -2.40 -12.94
C ARG B 148 -2.17 -1.38 -13.45
N THR B 149 -2.11 -0.14 -12.95
CA THR B 149 -2.93 0.95 -13.44
C THR B 149 -2.28 1.52 -14.70
N ASN B 150 -2.96 2.48 -15.33
CA ASN B 150 -2.53 2.94 -16.64
C ASN B 150 -1.47 4.02 -16.50
N VAL B 151 -0.25 3.72 -16.93
CA VAL B 151 0.86 4.64 -16.78
C VAL B 151 1.40 5.01 -18.16
N TYR B 152 1.50 6.32 -18.39
CA TYR B 152 1.98 6.94 -19.61
C TYR B 152 3.34 7.54 -19.29
N LEU B 153 4.41 6.92 -19.80
CA LEU B 153 5.78 7.30 -19.51
C LEU B 153 6.30 8.29 -20.55
N ALA B 154 6.87 9.38 -20.08
CA ALA B 154 7.50 10.38 -20.94
C ALA B 154 9.02 10.25 -20.80
N VAL B 155 9.69 10.07 -21.93
CA VAL B 155 11.13 9.96 -22.00
C VAL B 155 11.63 11.09 -22.89
N PHE B 156 12.43 11.99 -22.31
CA PHE B 156 12.85 13.20 -23.01
C PHE B 156 13.80 12.92 -24.18
N ASP B 157 14.84 12.12 -23.97
CA ASP B 157 15.87 11.93 -24.99
C ASP B 157 15.41 10.86 -25.98
N LYS B 158 15.26 11.22 -27.27
CA LYS B 158 14.92 10.25 -28.33
C LYS B 158 15.84 9.04 -28.30
N ASN B 159 17.14 9.24 -28.07
CA ASN B 159 18.07 8.11 -28.12
C ASN B 159 17.85 7.15 -26.94
N LEU B 160 17.46 7.66 -25.77
CA LEU B 160 17.13 6.76 -24.67
C LEU B 160 15.79 6.08 -24.94
N TYR B 161 14.82 6.83 -25.46
CA TYR B 161 13.54 6.26 -25.85
C TYR B 161 13.77 5.06 -26.77
N ASP B 162 14.59 5.25 -27.81
CA ASP B 162 14.85 4.17 -28.76
C ASP B 162 15.51 2.96 -28.07
N LYS B 163 16.45 3.22 -27.16
CA LYS B 163 17.09 2.12 -26.44
C LYS B 163 16.09 1.35 -25.58
N LEU B 164 15.16 2.07 -24.95
CA LEU B 164 14.15 1.44 -24.09
C LEU B 164 13.17 0.61 -24.93
N VAL B 165 12.65 1.19 -26.02
CA VAL B 165 11.67 0.49 -26.83
C VAL B 165 12.31 -0.70 -27.56
N SER B 166 13.49 -0.46 -28.13
CA SER B 166 14.13 -1.47 -28.96
C SER B 166 14.56 -2.68 -28.15
N SER B 167 14.89 -2.49 -26.87
CA SER B 167 15.33 -3.59 -26.00
C SER B 167 14.20 -4.18 -25.15
N PHE B 168 13.00 -3.61 -25.17
CA PHE B 168 11.94 -4.11 -24.30
C PHE B 168 11.49 -5.51 -24.73
N LEU B 169 11.50 -5.76 -26.03
CA LEU B 169 11.05 -7.03 -26.59
C LEU B 169 11.80 -7.37 -27.88
C18 RCR C . -7.32 -11.32 13.84
C16 RCR C . -8.90 -10.83 15.38
C13 RCR C . -12.49 -10.08 14.90
C12 RCR C . -13.37 -9.82 15.94
C11 RCR C . -12.89 -9.84 17.25
C10 RCR C . -11.60 -10.10 17.59
C20 RCR C . -9.78 -11.09 10.62
C02 RCR C . -13.51 -10.59 10.19
C03 RCR C . -12.13 -11.40 10.40
C04 RCR C . -11.69 -11.36 11.89
C06 RCR C . -9.50 -10.91 13.08
C07 RCR C . -9.94 -10.69 14.40
C08 RCR C . -11.14 -10.36 15.18
C09 RCR C . -10.75 -10.36 16.55
C21 RCR C . -10.89 -10.73 9.68
C22 RCR C . -10.89 -9.21 9.48
C23 RCR C . -10.38 -9.38 8.06
C24 RCR C . -10.75 -10.87 8.17
F25 RCR C . -12.31 -12.66 9.98
N05 RCR C . -10.32 -10.74 11.92
N15 RCR C . -9.40 -10.65 16.65
N17 RCR C . -7.58 -11.16 15.17
N19 RCR C . -8.19 -11.20 12.83
O01 RCR C . -13.54 -9.41 10.56
O26 RCR C . -14.45 -11.25 9.71
BR14 RCR C . -14.07 -9.49 18.74
H181 RCR C . -6.29 -11.60 13.58
H131 RCR C . -12.84 -10.07 13.87
H121 RCR C . -14.43 -9.58 15.74
H101 RCR C . -11.28 -10.10 18.61
H202 RCR C . -8.92 -10.39 10.52
H201 RCR C . -9.37 -12.12 10.48
H042 RCR C . -11.81 -12.32 12.45
H041 RCR C . -12.30 -10.65 12.39
H221 RCR C . -11.84 -8.68 9.58
H222 RCR C . -10.22 -8.68 10.12
H231 RCR C . -10.85 -8.79 7.26
H232 RCR C . -9.34 -9.11 7.96
H241 RCR C . -10.00 -11.57 7.81
H242 RCR C . -11.69 -11.09 7.67
H151 RCR C . -8.88 -10.73 17.49
C02 RD6 D . -9.48 -14.39 11.89
C03 RD6 D . -10.85 -13.48 11.71
C04 RD6 D . -10.78 -12.25 12.64
C06 RD6 D . -12.76 -10.66 12.73
C07 RD6 D . -12.60 -10.35 14.11
C08 RD6 D . -11.53 -10.25 15.10
C09 RD6 D . -12.11 -9.86 16.33
C10 RD6 D . -11.37 -9.67 17.51
C11 RD6 D . -9.98 -9.88 17.43
C12 RD6 D . -9.34 -10.28 16.24
C13 RD6 D . -10.12 -10.45 15.08
C16 RD6 D . -13.81 -10.01 14.77
C18 RD6 D . -15.09 -10.31 12.88
C20 RD6 D . -11.73 -11.44 10.57
C21 RD6 D . -10.92 -12.78 10.31
C22 RD6 D . -9.63 -12.07 9.76
C23 RD6 D . -9.44 -13.16 8.71
C24 RD6 D . -10.77 -13.85 9.16
F25 RD6 D . -11.88 -14.22 12.05
N05 RD6 D . -11.50 -11.05 11.97
N15 RD6 D . -13.55 -9.71 16.16
N17 RD6 D . -15.08 -9.97 14.22
N19 RD6 D . -13.99 -10.65 12.14
O01 RD6 D . -9.71 -15.64 12.13
O26 RD6 D . -8.38 -13.89 11.80
BR14 RD6 D . -8.90 -9.63 19.05
H041 RD6 D . -11.30 -12.56 13.55
H042 RD6 D . -9.71 -12.10 12.83
H101 RD6 D . -11.80 -9.37 18.46
H121 RD6 D . -8.24 -10.44 16.20
H131 RD6 D . -9.62 -10.76 14.15
H181 RD6 D . -16.07 -10.30 12.35
H201 RD6 D . -12.81 -11.77 10.52
H202 RD6 D . -11.78 -10.64 9.80
H221 RD6 D . -9.85 -11.12 9.27
H222 RD6 D . -8.89 -11.87 10.56
H231 RD6 D . -9.40 -12.71 7.71
H232 RD6 D . -8.53 -13.77 8.85
H242 RD6 D . -10.58 -14.87 9.52
H241 RD6 D . -11.54 -13.92 8.38
H151 RD6 D . -14.21 -9.45 16.82
#